data_7NW1
#
_entry.id   7NW1
#
_cell.length_a   47.204
_cell.length_b   67.421
_cell.length_c   133.984
_cell.angle_alpha   90.000
_cell.angle_beta   90.000
_cell.angle_gamma   90.000
#
_symmetry.space_group_name_H-M   'P 21 21 21'
#
loop_
_entity.id
_entity.type
_entity.pdbx_description
1 polymer 'Ubiquitin-fold modifier-conjugating enzyme 1'
2 polymer 'Ubiquitin-like modifier-activating enzyme 5'
3 non-polymer 1,2-ETHANEDIOL
4 non-polymer DI(HYDROXYETHYL)ETHER
5 non-polymer 'TRIETHYLENE GLYCOL'
6 non-polymer GLYCEROL
7 water water
#
loop_
_entity_poly.entity_id
_entity_poly.type
_entity_poly.pdbx_seq_one_letter_code
_entity_poly.pdbx_strand_id
1 'polypeptide(L)'
;GMADEATRRVVSEIPVLKTNAGPRDRELWVQRLKEEYQSLIRYVENNKNADNDWFRLESNKEGTRWFGKCWYIHDLLKYE
FDIEFDIPITYPTTAPEIAVPELDGKTAKMYRGGKICLTDHFKPLWARNVPKFGLAHLMALGLGPWLAVEIPDLIQKGVI
QHKEKCNQ
;
AAA,BBB
2 'polypeptide(L)' DSGESLEDLMAKMKNM CCC,FFF
#
loop_
_chem_comp.id
_chem_comp.type
_chem_comp.name
_chem_comp.formula
EDO non-polymer 1,2-ETHANEDIOL 'C2 H6 O2'
GOL non-polymer GLYCEROL 'C3 H8 O3'
PEG non-polymer DI(HYDROXYETHYL)ETHER 'C4 H10 O3'
PGE non-polymer 'TRIETHYLENE GLYCOL' 'C6 H14 O4'
#
# COMPACT_ATOMS: atom_id res chain seq x y z
N ASP A 4 7.06 14.79 -15.79
CA ASP A 4 7.02 15.75 -14.64
C ASP A 4 6.28 15.13 -13.45
N GLU A 5 5.41 14.16 -13.74
CA GLU A 5 4.69 13.36 -12.74
C GLU A 5 5.65 12.34 -12.12
N ALA A 6 6.37 11.60 -12.99
CA ALA A 6 7.36 10.62 -12.59
C ALA A 6 8.73 11.29 -12.39
N THR A 7 8.74 12.60 -12.10
CA THR A 7 9.95 13.39 -11.90
C THR A 7 9.98 13.92 -10.46
N ARG A 8 9.59 15.20 -10.27
CA ARG A 8 9.78 15.98 -9.05
C ARG A 8 9.02 15.34 -7.89
N ARG A 9 7.96 14.59 -8.22
CA ARG A 9 7.06 13.96 -7.27
C ARG A 9 7.86 13.14 -6.26
N VAL A 10 8.91 12.47 -6.75
CA VAL A 10 9.64 11.47 -5.99
C VAL A 10 11.05 11.96 -5.65
N VAL A 11 11.52 13.04 -6.32
CA VAL A 11 12.84 13.61 -6.06
C VAL A 11 12.81 14.41 -4.76
N SER A 12 11.82 15.31 -4.67
CA SER A 12 11.81 16.43 -3.75
C SER A 12 11.78 15.97 -2.30
N GLU A 13 11.55 14.68 -2.05
CA GLU A 13 11.59 14.15 -0.69
C GLU A 13 13.02 13.80 -0.31
N ILE A 14 13.88 13.62 -1.32
CA ILE A 14 15.28 13.27 -1.13
C ILE A 14 16.11 14.55 -1.18
N PRO A 15 16.95 14.83 -0.16
CA PRO A 15 17.82 16.01 -0.19
C PRO A 15 18.92 15.86 -1.25
N VAL A 16 19.12 16.96 -1.99
CA VAL A 16 20.06 17.07 -3.09
C VAL A 16 21.49 16.93 -2.55
N LEU A 17 22.41 16.41 -3.36
CA LEU A 17 23.80 16.36 -2.95
C LEU A 17 24.56 17.53 -3.59
N LYS A 18 25.78 17.84 -3.11
CA LYS A 18 26.44 19.10 -3.48
C LYS A 18 27.79 18.87 -4.14
N THR A 19 28.62 18.02 -3.56
CA THR A 19 30.00 17.92 -3.98
C THR A 19 30.05 17.25 -5.38
N ASN A 20 30.81 17.85 -6.30
CA ASN A 20 31.03 17.25 -7.59
C ASN A 20 32.37 16.53 -7.59
N ALA A 21 32.41 15.32 -7.05
CA ALA A 21 33.63 14.56 -6.95
C ALA A 21 33.36 13.08 -7.15
N GLY A 22 34.37 12.38 -7.69
CA GLY A 22 34.30 10.96 -7.94
C GLY A 22 35.31 10.23 -7.08
N PRO A 23 35.35 8.89 -7.14
CA PRO A 23 36.20 8.09 -6.26
C PRO A 23 37.69 8.34 -6.34
N ARG A 24 38.14 9.21 -7.21
CA ARG A 24 39.56 9.52 -7.32
C ARG A 24 39.91 10.86 -6.66
N ASP A 25 38.90 11.60 -6.19
CA ASP A 25 39.09 12.98 -5.79
C ASP A 25 39.43 13.13 -4.31
N ARG A 26 40.05 12.09 -3.74
CA ARG A 26 40.72 12.09 -2.44
C ARG A 26 39.88 12.76 -1.36
N GLU A 27 40.26 13.98 -1.02
CA GLU A 27 39.58 14.66 0.07
C GLU A 27 38.19 15.12 -0.34
N LEU A 28 37.95 15.44 -1.62
CA LEU A 28 36.61 15.80 -2.08
C LEU A 28 35.65 14.58 -2.14
N TRP A 29 36.19 13.39 -2.47
CA TRP A 29 35.43 12.16 -2.56
C TRP A 29 34.87 11.80 -1.18
N VAL A 30 35.67 11.96 -0.13
CA VAL A 30 35.22 11.66 1.21
C VAL A 30 34.03 12.55 1.56
N GLN A 31 34.11 13.84 1.24
CA GLN A 31 33.02 14.77 1.46
C GLN A 31 31.76 14.31 0.72
N ARG A 32 31.95 13.88 -0.53
CA ARG A 32 30.87 13.38 -1.36
C ARG A 32 30.24 12.14 -0.72
N LEU A 33 31.10 11.17 -0.34
CA LEU A 33 30.72 9.93 0.29
C LEU A 33 29.86 10.20 1.51
N LYS A 34 30.24 11.17 2.35
CA LYS A 34 29.48 11.53 3.53
C LYS A 34 28.08 12.04 3.17
N GLU A 35 28.01 12.85 2.11
CA GLU A 35 26.74 13.31 1.60
C GLU A 35 25.90 12.13 1.11
N GLU A 36 26.52 11.11 0.54
CA GLU A 36 25.79 9.97 0.01
C GLU A 36 25.09 9.27 1.17
N TYR A 37 25.86 8.95 2.22
CA TYR A 37 25.40 8.28 3.44
C TYR A 37 24.28 9.07 4.11
N GLN A 38 24.38 10.38 4.09
CA GLN A 38 23.38 11.18 4.74
C GLN A 38 22.07 11.10 3.97
N SER A 39 22.17 11.21 2.65
CA SER A 39 21.04 11.13 1.76
C SER A 39 20.38 9.73 1.80
N LEU A 40 21.21 8.67 1.90
CA LEU A 40 20.71 7.31 1.93
C LEU A 40 19.99 7.05 3.27
N ILE A 41 20.56 7.58 4.38
CA ILE A 41 19.96 7.41 5.70
C ILE A 41 18.60 8.13 5.71
N ARG A 42 18.56 9.33 5.15
CA ARG A 42 17.35 10.11 5.15
C ARG A 42 16.27 9.39 4.34
N TYR A 43 16.64 8.80 3.20
CA TYR A 43 15.67 8.12 2.34
C TYR A 43 15.08 6.87 3.01
N VAL A 44 15.95 6.09 3.66
CA VAL A 44 15.57 4.89 4.32
C VAL A 44 14.62 5.20 5.47
N GLU A 45 14.82 6.34 6.15
CA GLU A 45 13.99 6.80 7.25
C GLU A 45 12.58 7.12 6.77
N ASN A 46 12.50 7.91 5.70
CA ASN A 46 11.26 8.27 5.06
C ASN A 46 10.52 7.01 4.61
N ASN A 47 11.27 5.98 4.19
CA ASN A 47 10.71 4.73 3.71
C ASN A 47 10.08 3.98 4.90
N LYS A 48 10.81 3.83 6.00
CA LYS A 48 10.34 3.23 7.22
C LYS A 48 9.08 3.92 7.74
N ASN A 49 9.01 5.24 7.60
CA ASN A 49 7.87 6.01 8.06
C ASN A 49 6.66 5.83 7.14
N ALA A 50 6.88 5.69 5.84
CA ALA A 50 5.80 5.43 4.90
C ALA A 50 5.54 3.93 4.83
N ASP A 51 6.12 3.18 5.77
CA ASP A 51 5.96 1.74 5.83
C ASP A 51 6.40 1.02 4.55
N ASN A 52 7.35 1.59 3.81
CA ASN A 52 7.77 1.08 2.51
C ASN A 52 9.28 0.92 2.50
N ASP A 53 9.81 0.23 3.52
CA ASP A 53 11.23 0.02 3.69
C ASP A 53 11.69 -1.06 2.72
N TRP A 54 12.02 -0.70 1.47
CA TRP A 54 12.24 -1.68 0.43
C TRP A 54 13.71 -2.01 0.11
N PHE A 55 14.70 -1.32 0.70
CA PHE A 55 16.08 -1.63 0.32
C PHE A 55 17.06 -1.29 1.43
N ARG A 56 18.20 -2.00 1.45
CA ARG A 56 19.39 -1.68 2.23
C ARG A 56 20.62 -1.74 1.32
N LEU A 57 21.57 -0.82 1.53
CA LEU A 57 22.82 -0.79 0.77
C LEU A 57 23.99 -0.69 1.73
N GLU A 58 25.17 -1.16 1.30
CA GLU A 58 26.40 -0.84 2.01
C GLU A 58 27.56 -0.88 1.02
N SER A 59 28.76 -0.41 1.44
CA SER A 59 29.90 -0.23 0.54
C SER A 59 31.17 -0.69 1.22
N ASN A 60 32.23 -0.90 0.43
CA ASN A 60 33.58 -1.05 0.94
C ASN A 60 34.00 0.24 1.64
N LYS A 61 35.16 0.23 2.30
CA LYS A 61 35.61 1.39 3.06
C LYS A 61 35.85 2.60 2.17
N GLU A 62 36.24 2.37 0.91
CA GLU A 62 36.55 3.41 -0.05
C GLU A 62 35.28 3.98 -0.71
N GLY A 63 34.16 3.28 -0.58
CA GLY A 63 32.88 3.76 -1.10
C GLY A 63 32.78 3.57 -2.61
N THR A 64 33.57 2.65 -3.15
CA THR A 64 33.68 2.42 -4.58
C THR A 64 32.82 1.23 -5.02
N ARG A 65 32.49 0.32 -4.09
CA ARG A 65 31.78 -0.91 -4.38
C ARG A 65 30.59 -1.05 -3.44
N TRP A 66 29.38 -1.08 -4.01
CA TRP A 66 28.13 -1.08 -3.26
C TRP A 66 27.44 -2.44 -3.44
N PHE A 67 26.88 -2.93 -2.36
CA PHE A 67 26.10 -4.13 -2.39
C PHE A 67 24.96 -3.98 -1.38
N GLY A 68 23.82 -4.60 -1.71
CA GLY A 68 22.68 -4.61 -0.80
C GLY A 68 21.65 -5.63 -1.21
N LYS A 69 20.42 -5.33 -0.83
CA LYS A 69 19.28 -6.20 -1.01
C LYS A 69 18.11 -5.27 -1.18
N CYS A 70 17.15 -5.66 -2.01
CA CYS A 70 15.88 -4.96 -2.09
C CYS A 70 14.75 -5.95 -1.88
N TRP A 71 13.55 -5.43 -1.64
CA TRP A 71 12.41 -6.27 -1.26
C TRP A 71 11.22 -5.78 -2.04
N TYR A 72 10.39 -6.73 -2.44
CA TYR A 72 9.19 -6.49 -3.21
C TYR A 72 8.08 -7.35 -2.63
N ILE A 73 6.99 -6.69 -2.23
CA ILE A 73 5.84 -7.37 -1.70
C ILE A 73 4.74 -7.42 -2.76
N HIS A 74 4.30 -8.67 -3.07
CA HIS A 74 3.27 -8.98 -4.03
C HIS A 74 2.36 -10.09 -3.51
N ASP A 75 1.06 -9.78 -3.34
CA ASP A 75 0.02 -10.66 -2.81
C ASP A 75 0.48 -11.34 -1.53
N LEU A 76 0.99 -10.52 -0.61
CA LEU A 76 1.49 -10.89 0.71
C LEU A 76 2.74 -11.77 0.63
N LEU A 77 3.28 -11.99 -0.56
CA LEU A 77 4.54 -12.68 -0.68
C LEU A 77 5.69 -11.65 -0.74
N LYS A 78 6.73 -11.88 0.08
CA LYS A 78 7.88 -10.99 0.13
C LYS A 78 9.04 -11.63 -0.61
N TYR A 79 9.61 -10.89 -1.57
CA TYR A 79 10.71 -11.35 -2.40
C TYR A 79 11.93 -10.50 -2.11
N GLU A 80 13.10 -11.13 -2.10
CA GLU A 80 14.35 -10.51 -1.80
C GLU A 80 15.29 -10.77 -2.96
N PHE A 81 16.07 -9.75 -3.33
CA PHE A 81 17.03 -9.82 -4.41
C PHE A 81 18.30 -9.05 -4.03
N ASP A 82 19.46 -9.70 -4.21
CA ASP A 82 20.76 -9.11 -4.08
C ASP A 82 20.99 -8.09 -5.20
N ILE A 83 21.57 -6.94 -4.83
CA ILE A 83 21.91 -5.88 -5.76
C ILE A 83 23.37 -5.50 -5.55
N GLU A 84 23.99 -4.94 -6.61
CA GLU A 84 25.36 -4.49 -6.56
C GLU A 84 25.61 -3.51 -7.67
N PHE A 85 26.66 -2.69 -7.51
CA PHE A 85 27.16 -1.74 -8.49
C PHE A 85 28.49 -1.17 -8.04
N ASP A 86 29.32 -0.82 -9.03
CA ASP A 86 30.53 -0.05 -8.81
C ASP A 86 30.24 1.40 -9.14
N ILE A 87 31.01 2.29 -8.49
CA ILE A 87 30.92 3.70 -8.72
C ILE A 87 31.87 4.01 -9.88
N PRO A 88 31.38 4.53 -11.03
CA PRO A 88 32.26 4.86 -12.14
C PRO A 88 33.21 6.03 -11.80
N ILE A 89 34.36 6.06 -12.49
CA ILE A 89 35.40 7.06 -12.25
C ILE A 89 34.83 8.45 -12.52
N THR A 90 33.90 8.57 -13.46
CA THR A 90 33.34 9.86 -13.83
C THR A 90 32.05 10.18 -13.07
N TYR A 91 31.78 9.41 -12.01
CA TYR A 91 30.66 9.71 -11.13
C TYR A 91 30.98 11.03 -10.44
N PRO A 92 30.05 11.95 -10.11
CA PRO A 92 28.61 11.76 -10.29
C PRO A 92 27.97 12.25 -11.59
N THR A 93 28.80 12.56 -12.60
CA THR A 93 28.35 12.79 -13.97
C THR A 93 27.75 11.50 -14.55
N THR A 94 28.51 10.40 -14.44
CA THR A 94 28.07 9.09 -14.90
C THR A 94 27.35 8.37 -13.75
N ALA A 95 26.09 7.99 -13.99
CA ALA A 95 25.27 7.21 -13.06
C ALA A 95 25.82 5.80 -12.95
N PRO A 96 25.89 5.15 -11.75
CA PRO A 96 26.38 3.78 -11.64
C PRO A 96 25.36 2.83 -12.29
N GLU A 97 25.81 1.62 -12.61
CA GLU A 97 24.96 0.63 -13.29
C GLU A 97 24.58 -0.42 -12.29
N ILE A 98 23.30 -0.43 -11.86
CA ILE A 98 22.85 -1.40 -10.87
C ILE A 98 22.66 -2.75 -11.54
N ALA A 99 23.18 -3.79 -10.89
CA ALA A 99 23.01 -5.17 -11.30
C ALA A 99 22.16 -5.88 -10.25
N VAL A 100 21.23 -6.69 -10.72
CA VAL A 100 20.54 -7.70 -9.90
C VAL A 100 20.90 -9.06 -10.52
N PRO A 101 22.03 -9.67 -10.12
CA PRO A 101 22.55 -10.86 -10.80
C PRO A 101 21.66 -12.11 -10.83
N GLU A 102 20.81 -12.29 -9.84
CA GLU A 102 20.05 -13.53 -9.76
C GLU A 102 18.91 -13.50 -10.76
N LEU A 103 18.66 -12.34 -11.36
CA LEU A 103 17.60 -12.22 -12.37
C LEU A 103 18.15 -12.20 -13.78
N ASP A 104 19.47 -12.41 -13.91
CA ASP A 104 20.12 -12.38 -15.21
C ASP A 104 19.64 -13.57 -16.03
N GLY A 105 19.27 -13.34 -17.28
CA GLY A 105 18.67 -14.43 -18.03
C GLY A 105 17.15 -14.34 -18.05
N LYS A 106 16.53 -13.83 -16.97
CA LYS A 106 15.08 -13.93 -16.85
C LYS A 106 14.35 -12.75 -17.49
N THR A 107 15.00 -11.62 -17.71
CA THR A 107 14.26 -10.47 -18.23
C THR A 107 15.01 -9.82 -19.38
N ALA A 108 14.21 -9.34 -20.34
CA ALA A 108 14.62 -8.60 -21.50
C ALA A 108 15.14 -7.21 -21.10
N LYS A 109 14.58 -6.57 -20.06
CA LYS A 109 14.95 -5.22 -19.63
C LYS A 109 16.19 -5.26 -18.75
N MET A 110 17.25 -5.81 -19.36
CA MET A 110 18.50 -6.13 -18.68
C MET A 110 19.60 -6.33 -19.72
N TYR A 111 20.83 -5.95 -19.38
CA TYR A 111 22.02 -6.22 -20.18
C TYR A 111 22.77 -7.37 -19.53
N ARG A 112 23.81 -7.86 -20.21
CA ARG A 112 24.66 -8.95 -19.79
C ARG A 112 25.23 -8.63 -18.42
N GLY A 113 25.09 -9.57 -17.46
CA GLY A 113 25.63 -9.39 -16.13
C GLY A 113 24.58 -8.95 -15.11
N GLY A 114 23.33 -8.82 -15.55
CA GLY A 114 22.24 -8.54 -14.65
C GLY A 114 22.06 -7.04 -14.42
N LYS A 115 22.64 -6.24 -15.32
CA LYS A 115 22.55 -4.80 -15.24
C LYS A 115 21.20 -4.36 -15.77
N ILE A 116 20.44 -3.67 -14.92
CA ILE A 116 19.06 -3.32 -15.23
C ILE A 116 19.03 -2.29 -16.35
N CYS A 117 17.98 -2.36 -17.17
CA CYS A 117 17.79 -1.39 -18.23
C CYS A 117 16.72 -0.39 -17.82
N LEU A 118 17.06 0.89 -17.79
CA LEU A 118 16.18 1.92 -17.26
C LEU A 118 15.36 2.57 -18.36
N THR A 119 14.24 3.18 -17.94
CA THR A 119 13.32 3.99 -18.71
C THR A 119 14.06 5.10 -19.44
N ASP A 120 13.41 5.69 -20.45
CA ASP A 120 14.05 6.72 -21.26
C ASP A 120 14.20 8.03 -20.50
N HIS A 121 13.48 8.13 -19.38
CA HIS A 121 13.46 9.30 -18.51
C HIS A 121 14.86 9.49 -17.96
N PHE A 122 15.44 8.38 -17.48
CA PHE A 122 16.45 8.40 -16.45
C PHE A 122 17.73 9.08 -16.91
N LYS A 123 18.35 8.57 -17.97
CA LYS A 123 19.68 8.98 -18.36
C LYS A 123 19.74 10.51 -18.63
N PRO A 124 18.85 11.09 -19.48
CA PRO A 124 18.75 12.54 -19.61
C PRO A 124 18.45 13.31 -18.33
N LEU A 125 17.57 12.76 -17.50
CA LEU A 125 17.15 13.42 -16.27
C LEU A 125 18.31 13.50 -15.27
N TRP A 126 19.09 12.41 -15.15
CA TRP A 126 20.29 12.38 -14.34
C TRP A 126 21.24 13.46 -14.86
N ALA A 127 21.46 13.44 -16.18
CA ALA A 127 22.50 14.18 -16.86
C ALA A 127 22.29 15.68 -16.66
N ARG A 128 21.04 16.11 -16.49
CA ARG A 128 20.84 17.54 -16.45
C ARG A 128 20.87 18.04 -15.02
N ASN A 129 21.06 17.16 -14.03
CA ASN A 129 20.96 17.56 -12.63
C ASN A 129 22.30 17.44 -11.92
N VAL A 130 23.35 17.07 -12.64
CA VAL A 130 24.65 16.78 -12.04
C VAL A 130 25.09 18.03 -11.30
N PRO A 131 25.64 17.93 -10.05
CA PRO A 131 25.75 16.68 -9.29
C PRO A 131 24.76 16.51 -8.13
N LYS A 132 23.54 17.01 -8.31
CA LYS A 132 22.52 16.93 -7.30
C LYS A 132 22.07 15.49 -7.03
N PHE A 133 21.95 14.63 -8.06
CA PHE A 133 21.43 13.29 -7.83
C PHE A 133 22.54 12.37 -7.32
N GLY A 134 22.20 11.57 -6.31
CA GLY A 134 23.14 10.58 -5.80
C GLY A 134 22.50 9.19 -5.76
N LEU A 135 23.08 8.33 -4.93
CA LEU A 135 22.70 6.94 -4.82
C LEU A 135 21.26 6.80 -4.38
N ALA A 136 20.74 7.78 -3.67
CA ALA A 136 19.36 7.75 -3.21
C ALA A 136 18.40 7.91 -4.39
N HIS A 137 18.71 8.85 -5.28
CA HIS A 137 17.99 9.11 -6.53
C HIS A 137 18.11 7.95 -7.49
N LEU A 138 19.27 7.28 -7.49
CA LEU A 138 19.50 6.11 -8.33
C LEU A 138 18.54 4.97 -7.94
N MET A 139 18.30 4.81 -6.62
CA MET A 139 17.40 3.82 -6.04
C MET A 139 15.95 4.21 -6.29
N ALA A 140 15.60 5.45 -5.97
CA ALA A 140 14.26 6.01 -6.02
C ALA A 140 13.75 6.08 -7.45
N LEU A 141 14.57 6.50 -8.40
CA LEU A 141 14.09 6.73 -9.77
C LEU A 141 14.63 5.64 -10.69
N GLY A 142 15.59 4.84 -10.24
CA GLY A 142 16.19 3.84 -11.09
C GLY A 142 15.63 2.46 -10.75
N LEU A 143 16.10 1.90 -9.63
CA LEU A 143 15.82 0.52 -9.31
C LEU A 143 14.35 0.33 -8.91
N GLY A 144 13.79 1.28 -8.15
CA GLY A 144 12.43 1.12 -7.67
C GLY A 144 11.41 1.04 -8.81
N PRO A 145 11.39 2.00 -9.75
CA PRO A 145 10.51 1.94 -10.92
C PRO A 145 10.71 0.71 -11.78
N TRP A 146 11.96 0.28 -11.88
CA TRP A 146 12.29 -0.93 -12.60
C TRP A 146 11.68 -2.16 -11.93
N LEU A 147 11.84 -2.29 -10.60
CA LEU A 147 11.29 -3.42 -9.86
C LEU A 147 9.78 -3.48 -10.02
N ALA A 148 9.13 -2.33 -9.97
CA ALA A 148 7.69 -2.23 -10.01
C ALA A 148 7.12 -2.70 -11.35
N VAL A 149 7.90 -2.68 -12.42
CA VAL A 149 7.44 -3.16 -13.72
C VAL A 149 7.83 -4.62 -13.89
N GLU A 150 9.09 -4.98 -13.56
CA GLU A 150 9.61 -6.27 -13.94
C GLU A 150 9.26 -7.40 -12.96
N ILE A 151 9.14 -7.10 -11.66
CA ILE A 151 9.00 -8.18 -10.69
C ILE A 151 7.59 -8.78 -10.81
N PRO A 152 6.51 -7.96 -10.93
CA PRO A 152 5.18 -8.49 -11.15
C PRO A 152 5.10 -9.37 -12.39
N ASP A 153 5.79 -8.93 -13.45
CA ASP A 153 5.88 -9.64 -14.71
C ASP A 153 6.51 -11.02 -14.54
N LEU A 154 7.67 -11.08 -13.87
CA LEU A 154 8.34 -12.36 -13.66
C LEU A 154 7.53 -13.28 -12.73
N ILE A 155 6.80 -12.70 -11.76
CA ILE A 155 6.01 -13.46 -10.81
C ILE A 155 4.93 -14.19 -11.61
N GLN A 156 4.11 -13.42 -12.33
CA GLN A 156 3.06 -13.86 -13.21
C GLN A 156 3.54 -14.95 -14.15
N LYS A 157 4.71 -14.79 -14.78
CA LYS A 157 5.26 -15.79 -15.71
C LYS A 157 5.73 -17.05 -14.97
N GLY A 158 5.72 -17.05 -13.63
CA GLY A 158 6.11 -18.20 -12.86
C GLY A 158 7.60 -18.51 -12.82
N VAL A 159 8.47 -17.50 -12.99
CA VAL A 159 9.90 -17.78 -13.08
C VAL A 159 10.72 -17.34 -11.83
N ILE A 160 10.10 -16.68 -10.85
CA ILE A 160 10.87 -16.34 -9.65
C ILE A 160 10.54 -17.22 -8.45
N GLN A 161 11.63 -17.67 -7.81
CA GLN A 161 11.68 -18.55 -6.66
C GLN A 161 11.47 -17.73 -5.38
N HIS A 162 10.29 -17.90 -4.77
CA HIS A 162 10.00 -17.21 -3.53
C HIS A 162 10.76 -17.90 -2.41
N LYS A 163 11.59 -17.20 -1.62
CA LYS A 163 12.46 -17.93 -0.69
C LYS A 163 12.05 -17.79 0.77
N GLU A 164 11.27 -16.74 1.13
CA GLU A 164 10.96 -16.48 2.54
C GLU A 164 9.47 -16.25 2.82
N LYS A 165 8.98 -17.03 3.80
CA LYS A 165 7.60 -17.06 4.24
C LYS A 165 7.25 -15.73 4.90
N CYS A 166 6.16 -15.11 4.43
CA CYS A 166 5.70 -13.82 4.90
C CYS A 166 4.22 -13.90 5.31
N ASP B 4 -37.78 -8.13 -1.56
CA ASP B 4 -37.32 -8.02 -2.98
C ASP B 4 -37.21 -6.54 -3.37
N GLU B 5 -37.98 -5.68 -2.67
CA GLU B 5 -37.98 -4.25 -2.90
C GLU B 5 -36.74 -3.61 -2.28
N ALA B 6 -36.46 -3.95 -1.02
CA ALA B 6 -35.29 -3.47 -0.30
C ALA B 6 -34.11 -4.43 -0.52
N THR B 7 -34.12 -5.17 -1.66
CA THR B 7 -33.11 -6.16 -1.99
C THR B 7 -32.34 -5.74 -3.25
N ARG B 8 -32.78 -6.28 -4.40
CA ARG B 8 -32.03 -6.32 -5.65
C ARG B 8 -31.71 -4.92 -6.16
N ARG B 9 -32.54 -3.95 -5.77
CA ARG B 9 -32.45 -2.58 -6.24
C ARG B 9 -31.05 -2.03 -6.02
N VAL B 10 -30.46 -2.42 -4.89
CA VAL B 10 -29.22 -1.82 -4.41
C VAL B 10 -28.08 -2.84 -4.47
N VAL B 11 -28.39 -4.14 -4.65
CA VAL B 11 -27.39 -5.18 -4.77
C VAL B 11 -26.74 -5.12 -6.15
N SER B 12 -27.57 -5.06 -7.19
CA SER B 12 -27.18 -5.23 -8.58
C SER B 12 -26.17 -4.17 -9.03
N GLU B 13 -25.99 -3.13 -8.21
CA GLU B 13 -25.01 -2.09 -8.50
C GLU B 13 -23.63 -2.49 -8.00
N ILE B 14 -23.58 -3.48 -7.10
CA ILE B 14 -22.34 -4.04 -6.58
C ILE B 14 -22.01 -5.30 -7.38
N PRO B 15 -20.78 -5.44 -7.93
CA PRO B 15 -20.35 -6.67 -8.60
C PRO B 15 -20.23 -7.85 -7.64
N VAL B 16 -20.76 -9.01 -8.05
CA VAL B 16 -20.81 -10.20 -7.21
C VAL B 16 -19.40 -10.77 -7.02
N LEU B 17 -19.14 -11.44 -5.90
CA LEU B 17 -17.83 -12.04 -5.68
C LEU B 17 -17.90 -13.53 -6.00
N LYS B 18 -16.74 -14.17 -6.20
CA LYS B 18 -16.70 -15.54 -6.71
C LYS B 18 -16.05 -16.51 -5.72
N THR B 19 -14.90 -16.15 -5.14
CA THR B 19 -14.10 -17.15 -4.45
C THR B 19 -14.79 -17.52 -3.14
N ASN B 20 -14.85 -18.81 -2.85
CA ASN B 20 -15.42 -19.25 -1.60
C ASN B 20 -14.27 -19.64 -0.67
N ALA B 21 -13.67 -18.62 -0.02
CA ALA B 21 -12.55 -18.87 0.87
C ALA B 21 -12.65 -17.91 2.06
N GLY B 22 -12.07 -18.36 3.18
CA GLY B 22 -12.02 -17.59 4.41
C GLY B 22 -10.58 -17.26 4.77
N PRO B 23 -10.35 -16.49 5.85
CA PRO B 23 -9.01 -16.02 6.18
C PRO B 23 -8.01 -17.11 6.55
N ARG B 24 -8.44 -18.39 6.52
CA ARG B 24 -7.51 -19.47 6.77
C ARG B 24 -7.10 -20.18 5.47
N ASP B 25 -7.69 -19.79 4.35
CA ASP B 25 -7.54 -20.53 3.11
C ASP B 25 -6.40 -19.98 2.26
N ARG B 26 -5.34 -19.50 2.91
CA ARG B 26 -4.02 -19.25 2.35
C ARG B 26 -4.04 -18.63 0.94
N GLU B 27 -3.80 -19.52 -0.05
CA GLU B 27 -3.78 -19.28 -1.48
C GLU B 27 -5.06 -18.59 -1.95
N LEU B 28 -6.17 -19.20 -1.52
CA LEU B 28 -7.47 -18.77 -2.00
C LEU B 28 -7.97 -17.52 -1.28
N TRP B 29 -7.56 -17.31 -0.01
CA TRP B 29 -7.94 -16.14 0.75
C TRP B 29 -7.44 -14.87 0.07
N VAL B 30 -6.20 -14.89 -0.42
CA VAL B 30 -5.67 -13.73 -1.08
C VAL B 30 -6.51 -13.38 -2.31
N GLN B 31 -6.87 -14.40 -3.10
CA GLN B 31 -7.75 -14.22 -4.24
C GLN B 31 -9.08 -13.60 -3.81
N ARG B 32 -9.67 -14.11 -2.72
CA ARG B 32 -10.93 -13.60 -2.20
C ARG B 32 -10.77 -12.15 -1.74
N LEU B 33 -9.68 -11.87 -0.99
CA LEU B 33 -9.35 -10.52 -0.54
C LEU B 33 -9.31 -9.56 -1.71
N LYS B 34 -8.69 -9.96 -2.83
CA LYS B 34 -8.58 -9.09 -4.00
C LYS B 34 -9.97 -8.79 -4.57
N GLU B 35 -10.83 -9.82 -4.60
CA GLU B 35 -12.22 -9.63 -5.00
C GLU B 35 -12.85 -8.58 -4.11
N GLU B 36 -12.63 -8.66 -2.79
CA GLU B 36 -13.27 -7.78 -1.83
C GLU B 36 -12.94 -6.33 -2.14
N TYR B 37 -11.63 -6.04 -2.28
CA TYR B 37 -11.11 -4.73 -2.63
C TYR B 37 -11.70 -4.23 -3.94
N GLN B 38 -11.87 -5.12 -4.92
CA GLN B 38 -12.34 -4.69 -6.22
C GLN B 38 -13.80 -4.25 -6.09
N SER B 39 -14.58 -5.08 -5.39
CA SER B 39 -15.99 -4.84 -5.11
C SER B 39 -16.18 -3.57 -4.26
N LEU B 40 -15.31 -3.36 -3.26
CA LEU B 40 -15.40 -2.21 -2.38
C LEU B 40 -15.07 -0.94 -3.14
N ILE B 41 -14.08 -1.01 -4.05
CA ILE B 41 -13.69 0.17 -4.82
C ILE B 41 -14.83 0.53 -5.76
N ARG B 42 -15.44 -0.49 -6.37
CA ARG B 42 -16.54 -0.27 -7.29
C ARG B 42 -17.70 0.39 -6.55
N TYR B 43 -18.01 -0.08 -5.33
CA TYR B 43 -19.12 0.44 -4.55
C TYR B 43 -18.90 1.91 -4.14
N VAL B 44 -17.69 2.22 -3.71
CA VAL B 44 -17.32 3.56 -3.30
C VAL B 44 -17.41 4.52 -4.49
N GLU B 45 -17.10 4.04 -5.70
CA GLU B 45 -17.15 4.83 -6.92
C GLU B 45 -18.60 5.16 -7.27
N ASN B 46 -19.48 4.15 -7.24
CA ASN B 46 -20.91 4.32 -7.45
C ASN B 46 -21.46 5.31 -6.43
N ASN B 47 -20.91 5.30 -5.21
CA ASN B 47 -21.36 6.17 -4.13
C ASN B 47 -20.98 7.61 -4.46
N LYS B 48 -19.72 7.85 -4.85
CA LYS B 48 -19.22 9.15 -5.24
C LYS B 48 -20.02 9.70 -6.42
N ASN B 49 -20.43 8.84 -7.35
CA ASN B 49 -21.21 9.22 -8.51
C ASN B 49 -22.64 9.59 -8.15
N ALA B 50 -23.24 8.85 -7.21
CA ALA B 50 -24.58 9.16 -6.73
C ALA B 50 -24.49 10.19 -5.60
N ASP B 51 -23.32 10.79 -5.47
CA ASP B 51 -22.97 11.82 -4.51
C ASP B 51 -23.31 11.43 -3.08
N ASN B 52 -23.29 10.13 -2.75
CA ASN B 52 -23.57 9.66 -1.39
C ASN B 52 -22.43 8.78 -0.91
N ASP B 53 -21.24 9.38 -0.85
CA ASP B 53 -20.03 8.73 -0.41
C ASP B 53 -20.03 8.63 1.12
N TRP B 54 -20.62 7.56 1.66
CA TRP B 54 -20.96 7.54 3.08
C TRP B 54 -20.03 6.72 3.95
N PHE B 55 -19.03 6.02 3.38
CA PHE B 55 -18.15 5.23 4.21
C PHE B 55 -16.79 5.06 3.54
N ARG B 56 -15.78 4.83 4.40
CA ARG B 56 -14.45 4.37 4.05
C ARG B 56 -14.07 3.21 4.98
N LEU B 57 -13.38 2.21 4.41
CA LEU B 57 -12.90 1.06 5.15
C LEU B 57 -11.43 0.85 4.85
N GLU B 58 -10.75 0.18 5.77
CA GLU B 58 -9.45 -0.41 5.46
C GLU B 58 -9.22 -1.57 6.42
N SER B 59 -8.15 -2.33 6.19
CA SER B 59 -7.89 -3.58 6.88
C SER B 59 -6.41 -3.68 7.20
N ASN B 60 -6.06 -4.60 8.09
CA ASN B 60 -4.67 -5.01 8.30
C ASN B 60 -4.17 -5.66 7.02
N LYS B 61 -2.88 -5.97 6.94
CA LYS B 61 -2.33 -6.48 5.69
C LYS B 61 -2.91 -7.85 5.33
N GLU B 62 -3.36 -8.62 6.31
CA GLU B 62 -3.87 -9.97 6.15
C GLU B 62 -5.35 -9.95 5.77
N GLY B 63 -6.00 -8.78 5.89
CA GLY B 63 -7.39 -8.59 5.49
C GLY B 63 -8.37 -9.22 6.47
N THR B 64 -7.93 -9.46 7.71
CA THR B 64 -8.72 -10.13 8.73
C THR B 64 -9.43 -9.14 9.68
N ARG B 65 -8.92 -7.91 9.75
CA ARG B 65 -9.40 -6.90 10.70
C ARG B 65 -9.70 -5.61 9.95
N TRP B 66 -10.96 -5.20 9.97
CA TRP B 66 -11.44 -4.06 9.20
C TRP B 66 -11.80 -2.91 10.14
N PHE B 67 -11.43 -1.71 9.73
CA PHE B 67 -11.79 -0.50 10.47
C PHE B 67 -12.03 0.62 9.46
N GLY B 68 -12.99 1.49 9.80
CA GLY B 68 -13.26 2.65 8.98
C GLY B 68 -14.10 3.69 9.70
N LYS B 69 -14.82 4.47 8.89
CA LYS B 69 -15.65 5.55 9.35
C LYS B 69 -16.84 5.57 8.41
N CYS B 70 -18.02 5.92 8.94
CA CYS B 70 -19.18 6.14 8.11
C CYS B 70 -19.75 7.52 8.44
N TRP B 71 -20.58 8.04 7.54
CA TRP B 71 -21.08 9.40 7.66
C TRP B 71 -22.58 9.38 7.43
N TYR B 72 -23.26 10.28 8.16
CA TYR B 72 -24.69 10.51 8.02
C TYR B 72 -24.95 12.01 8.04
N ILE B 73 -25.67 12.48 7.01
CA ILE B 73 -25.99 13.89 6.90
C ILE B 73 -27.43 14.10 7.33
N HIS B 74 -27.62 15.00 8.31
CA HIS B 74 -28.92 15.36 8.86
C HIS B 74 -29.00 16.87 9.08
N ASP B 75 -29.91 17.53 8.35
CA ASP B 75 -30.10 18.97 8.31
C ASP B 75 -28.77 19.68 8.11
N LEU B 76 -27.99 19.21 7.13
CA LEU B 76 -26.68 19.73 6.75
C LEU B 76 -25.63 19.62 7.87
N LEU B 77 -25.96 18.89 8.95
CA LEU B 77 -24.94 18.47 9.88
C LEU B 77 -24.43 17.08 9.51
N LYS B 78 -23.10 16.94 9.58
CA LYS B 78 -22.43 15.69 9.30
C LYS B 78 -22.07 14.99 10.61
N TYR B 79 -22.48 13.72 10.70
CA TYR B 79 -22.14 12.86 11.82
C TYR B 79 -21.18 11.77 11.34
N GLU B 80 -20.14 11.55 12.14
CA GLU B 80 -19.11 10.60 11.79
C GLU B 80 -19.03 9.56 12.91
N PHE B 81 -18.88 8.29 12.52
CA PHE B 81 -18.84 7.17 13.45
C PHE B 81 -17.77 6.19 13.01
N ASP B 82 -16.87 5.85 13.94
CA ASP B 82 -15.90 4.78 13.76
C ASP B 82 -16.60 3.44 13.72
N ILE B 83 -16.15 2.59 12.78
CA ILE B 83 -16.67 1.25 12.59
C ILE B 83 -15.51 0.26 12.56
N GLU B 84 -15.82 -1.00 12.90
CA GLU B 84 -14.86 -2.09 12.91
C GLU B 84 -15.60 -3.42 12.87
N PHE B 85 -14.88 -4.47 12.44
CA PHE B 85 -15.34 -5.85 12.45
C PHE B 85 -14.15 -6.75 12.11
N ASP B 86 -14.21 -7.98 12.63
CA ASP B 86 -13.31 -9.03 12.20
C ASP B 86 -14.01 -9.89 11.15
N ILE B 87 -13.20 -10.52 10.30
CA ILE B 87 -13.68 -11.51 9.36
C ILE B 87 -13.77 -12.85 10.11
N PRO B 88 -14.96 -13.46 10.23
CA PRO B 88 -15.07 -14.77 10.89
C PRO B 88 -14.39 -15.88 10.08
N ILE B 89 -13.95 -16.94 10.77
CA ILE B 89 -13.19 -18.02 10.14
C ILE B 89 -14.05 -18.69 9.05
N THR B 90 -15.37 -18.71 9.26
CA THR B 90 -16.28 -19.38 8.33
C THR B 90 -16.80 -18.41 7.27
N TYR B 91 -16.20 -17.22 7.17
CA TYR B 91 -16.53 -16.28 6.12
C TYR B 91 -16.09 -16.92 4.79
N PRO B 92 -16.77 -16.74 3.63
CA PRO B 92 -17.95 -15.88 3.47
C PRO B 92 -19.34 -16.48 3.65
N THR B 93 -19.40 -17.67 4.27
CA THR B 93 -20.62 -18.30 4.74
C THR B 93 -21.22 -17.46 5.88
N THR B 94 -20.40 -17.16 6.89
CA THR B 94 -20.77 -16.32 8.01
C THR B 94 -20.44 -14.86 7.69
N ALA B 95 -21.47 -13.99 7.69
CA ALA B 95 -21.31 -12.56 7.51
C ALA B 95 -20.61 -11.97 8.73
N PRO B 96 -19.67 -11.00 8.62
CA PRO B 96 -19.03 -10.37 9.78
C PRO B 96 -20.05 -9.53 10.54
N GLU B 97 -19.79 -9.28 11.82
CA GLU B 97 -20.65 -8.46 12.67
C GLU B 97 -20.00 -7.10 12.85
N ILE B 98 -20.64 -6.09 12.26
CA ILE B 98 -20.13 -4.73 12.33
C ILE B 98 -20.42 -4.17 13.72
N ALA B 99 -19.40 -3.52 14.28
CA ALA B 99 -19.48 -2.82 15.54
C ALA B 99 -19.30 -1.33 15.28
N VAL B 100 -20.17 -0.52 15.91
CA VAL B 100 -20.00 0.91 16.03
C VAL B 100 -19.86 1.21 17.51
N PRO B 101 -18.63 1.14 18.09
CA PRO B 101 -18.45 1.19 19.54
C PRO B 101 -18.92 2.46 20.25
N GLU B 102 -18.89 3.60 19.57
CA GLU B 102 -19.19 4.86 20.24
C GLU B 102 -20.69 4.98 20.48
N LEU B 103 -21.49 4.09 19.87
CA LEU B 103 -22.93 4.14 20.06
C LEU B 103 -23.40 3.06 21.02
N ASP B 104 -22.44 2.37 21.64
CA ASP B 104 -22.76 1.25 22.50
C ASP B 104 -23.43 1.79 23.76
N GLY B 105 -24.53 1.12 24.15
CA GLY B 105 -25.36 1.58 25.24
C GLY B 105 -26.07 2.88 24.89
N LYS B 106 -26.46 3.05 23.63
CA LYS B 106 -27.34 4.16 23.24
C LYS B 106 -28.51 3.69 22.38
N THR B 107 -28.44 2.49 21.83
CA THR B 107 -29.53 1.99 21.00
C THR B 107 -29.86 0.55 21.39
N ALA B 108 -31.16 0.23 21.31
CA ALA B 108 -31.73 -1.09 21.54
C ALA B 108 -31.31 -2.08 20.45
N LYS B 109 -31.19 -1.60 19.21
CA LYS B 109 -30.86 -2.44 18.05
C LYS B 109 -29.34 -2.63 17.97
N MET B 110 -28.80 -3.22 19.04
CA MET B 110 -27.37 -3.37 19.23
C MET B 110 -27.11 -4.39 20.34
N TYR B 111 -26.05 -5.19 20.20
CA TYR B 111 -25.61 -6.13 21.22
C TYR B 111 -24.38 -5.57 21.92
N ARG B 112 -23.97 -6.21 23.03
CA ARG B 112 -22.87 -5.70 23.83
C ARG B 112 -21.61 -5.66 22.97
N GLY B 113 -20.89 -4.54 23.05
CA GLY B 113 -19.68 -4.33 22.26
C GLY B 113 -19.94 -3.44 21.04
N GLY B 114 -21.19 -3.01 20.86
CA GLY B 114 -21.51 -2.06 19.81
C GLY B 114 -21.81 -2.76 18.48
N LYS B 115 -22.10 -4.07 18.55
CA LYS B 115 -22.43 -4.83 17.37
C LYS B 115 -23.87 -4.57 16.98
N ILE B 116 -24.05 -4.08 15.75
CA ILE B 116 -25.37 -3.65 15.28
C ILE B 116 -26.30 -4.85 15.13
N CYS B 117 -27.60 -4.64 15.36
CA CYS B 117 -28.59 -5.68 15.19
C CYS B 117 -29.37 -5.45 13.90
N LEU B 118 -29.31 -6.42 13.00
CA LEU B 118 -29.91 -6.26 11.68
C LEU B 118 -31.31 -6.85 11.66
N THR B 119 -32.13 -6.37 10.70
CA THR B 119 -33.45 -6.86 10.35
C THR B 119 -33.40 -8.35 10.03
N ASP B 120 -34.58 -8.99 10.05
CA ASP B 120 -34.66 -10.43 9.90
C ASP B 120 -34.42 -10.82 8.45
N HIS B 121 -34.41 -9.84 7.54
CA HIS B 121 -34.15 -10.09 6.13
C HIS B 121 -32.73 -10.62 5.96
N PHE B 122 -31.78 -9.99 6.68
CA PHE B 122 -30.38 -10.02 6.32
C PHE B 122 -29.78 -11.43 6.37
N LYS B 123 -29.84 -12.07 7.54
CA LYS B 123 -29.09 -13.31 7.75
C LYS B 123 -29.53 -14.41 6.78
N PRO B 124 -30.84 -14.73 6.61
CA PRO B 124 -31.28 -15.62 5.53
C PRO B 124 -30.93 -15.18 4.10
N LEU B 125 -31.00 -13.86 3.83
CA LEU B 125 -30.71 -13.34 2.49
C LEU B 125 -29.23 -13.54 2.14
N TRP B 126 -28.35 -13.28 3.12
CA TRP B 126 -26.93 -13.54 2.98
C TRP B 126 -26.74 -15.02 2.71
N ALA B 127 -27.37 -15.86 3.54
CA ALA B 127 -27.16 -17.30 3.59
C ALA B 127 -27.45 -17.95 2.25
N ARG B 128 -28.39 -17.36 1.48
CA ARG B 128 -28.78 -18.03 0.27
C ARG B 128 -27.96 -17.54 -0.92
N ASN B 129 -27.04 -16.60 -0.69
CA ASN B 129 -26.29 -15.99 -1.78
C ASN B 129 -24.79 -16.28 -1.68
N VAL B 130 -24.37 -17.00 -0.63
CA VAL B 130 -22.98 -17.38 -0.44
C VAL B 130 -22.46 -18.01 -1.73
N PRO B 131 -21.23 -17.69 -2.21
CA PRO B 131 -20.39 -16.63 -1.65
C PRO B 131 -20.38 -15.35 -2.49
N LYS B 132 -21.51 -15.03 -3.11
CA LYS B 132 -21.62 -13.89 -4.00
C LYS B 132 -21.56 -12.59 -3.20
N PHE B 133 -22.13 -12.57 -1.99
CA PHE B 133 -22.13 -11.35 -1.18
C PHE B 133 -20.79 -11.20 -0.46
N GLY B 134 -20.26 -9.98 -0.48
CA GLY B 134 -19.06 -9.65 0.26
C GLY B 134 -19.24 -8.43 1.16
N LEU B 135 -18.12 -7.80 1.52
CA LEU B 135 -18.09 -6.68 2.45
C LEU B 135 -18.86 -5.49 1.88
N ALA B 136 -18.97 -5.40 0.56
CA ALA B 136 -19.71 -4.31 -0.06
C ALA B 136 -21.21 -4.48 0.20
N HIS B 137 -21.70 -5.72 0.06
CA HIS B 137 -23.07 -6.13 0.39
C HIS B 137 -23.38 -5.95 1.88
N LEU B 138 -22.38 -6.22 2.72
CA LEU B 138 -22.51 -6.08 4.16
C LEU B 138 -22.75 -4.61 4.54
N MET B 139 -22.08 -3.68 3.82
CA MET B 139 -22.20 -2.24 4.03
C MET B 139 -23.52 -1.74 3.45
N ALA B 140 -23.81 -2.13 2.21
CA ALA B 140 -24.99 -1.71 1.46
C ALA B 140 -26.30 -2.21 2.09
N LEU B 141 -26.34 -3.47 2.52
CA LEU B 141 -27.58 -4.06 3.00
C LEU B 141 -27.56 -4.18 4.52
N GLY B 142 -26.40 -4.01 5.14
CA GLY B 142 -26.28 -4.17 6.58
C GLY B 142 -26.24 -2.82 7.28
N LEU B 143 -25.09 -2.15 7.20
CA LEU B 143 -24.85 -0.95 7.99
C LEU B 143 -25.66 0.23 7.47
N GLY B 144 -25.80 0.36 6.14
CA GLY B 144 -26.51 1.48 5.55
C GLY B 144 -27.97 1.56 5.99
N PRO B 145 -28.78 0.48 5.79
CA PRO B 145 -30.16 0.44 6.27
C PRO B 145 -30.30 0.63 7.78
N TRP B 146 -29.32 0.11 8.53
CA TRP B 146 -29.30 0.26 9.97
C TRP B 146 -29.09 1.72 10.35
N LEU B 147 -28.11 2.41 9.72
CA LEU B 147 -27.85 3.81 10.01
C LEU B 147 -29.08 4.65 9.72
N ALA B 148 -29.77 4.34 8.60
CA ALA B 148 -30.90 5.10 8.12
C ALA B 148 -32.07 5.07 9.11
N VAL B 149 -32.14 4.02 9.94
CA VAL B 149 -33.22 3.90 10.91
C VAL B 149 -32.77 4.48 12.25
N GLU B 150 -31.55 4.13 12.69
CA GLU B 150 -31.16 4.39 14.06
C GLU B 150 -30.59 5.80 14.26
N ILE B 151 -29.91 6.36 13.26
CA ILE B 151 -29.20 7.61 13.51
C ILE B 151 -30.21 8.75 13.63
N PRO B 152 -31.24 8.84 12.74
CA PRO B 152 -32.26 9.89 12.88
C PRO B 152 -32.96 9.82 14.24
N ASP B 153 -33.22 8.58 14.69
CA ASP B 153 -33.84 8.30 15.97
C ASP B 153 -33.00 8.83 17.13
N LEU B 154 -31.69 8.52 17.14
CA LEU B 154 -30.80 8.97 18.21
C LEU B 154 -30.63 10.49 18.16
N ILE B 155 -30.66 11.09 16.97
CA ILE B 155 -30.52 12.54 16.81
C ILE B 155 -31.69 13.21 17.52
N GLN B 156 -32.90 12.84 17.08
CA GLN B 156 -34.15 13.37 17.60
C GLN B 156 -34.23 13.18 19.12
N LYS B 157 -33.79 12.02 19.63
CA LYS B 157 -33.82 11.73 21.06
C LYS B 157 -32.72 12.46 21.81
N GLY B 158 -31.91 13.26 21.10
CA GLY B 158 -30.95 14.19 21.67
C GLY B 158 -29.73 13.54 22.30
N VAL B 159 -29.31 12.37 21.80
CA VAL B 159 -28.25 11.64 22.49
C VAL B 159 -26.92 11.61 21.70
N ILE B 160 -26.91 12.09 20.44
CA ILE B 160 -25.65 12.22 19.73
C ILE B 160 -25.31 13.71 19.49
N GLN B 161 -24.02 14.03 19.62
CA GLN B 161 -23.55 15.38 19.34
C GLN B 161 -22.64 15.35 18.10
N HIS B 162 -23.00 16.13 17.08
CA HIS B 162 -22.28 16.23 15.82
C HIS B 162 -20.85 16.74 16.01
N LYS B 163 -20.05 16.62 14.95
CA LYS B 163 -18.66 17.05 15.00
C LYS B 163 -18.42 18.21 14.03
N GLU B 164 -19.14 18.24 12.90
CA GLU B 164 -18.83 19.15 11.80
C GLU B 164 -20.11 19.62 11.11
N LYS B 165 -19.93 20.50 10.11
CA LYS B 165 -21.01 21.05 9.30
C LYS B 165 -20.99 20.43 7.90
N CYS B 166 -21.19 21.27 6.88
CA CYS B 166 -21.21 20.85 5.49
C CYS B 166 -20.25 21.73 4.66
N GLY C 3 -4.55 -7.49 -13.75
CA GLY C 3 -3.41 -8.25 -13.17
C GLY C 3 -2.82 -7.57 -11.94
N GLU C 4 -3.53 -6.58 -11.37
CA GLU C 4 -3.05 -5.80 -10.23
C GLU C 4 -3.03 -6.64 -8.96
N SER C 5 -2.04 -6.35 -8.11
CA SER C 5 -1.83 -7.10 -6.88
C SER C 5 -2.74 -6.59 -5.75
N LEU C 6 -2.77 -7.35 -4.65
CA LEU C 6 -3.47 -6.94 -3.44
C LEU C 6 -2.95 -5.59 -2.94
N GLU C 7 -1.63 -5.41 -2.94
CA GLU C 7 -1.02 -4.18 -2.47
C GLU C 7 -1.51 -3.01 -3.31
N ASP C 8 -1.69 -3.23 -4.63
CA ASP C 8 -2.14 -2.16 -5.51
C ASP C 8 -3.54 -1.73 -5.12
N LEU C 9 -4.38 -2.73 -4.88
CA LEU C 9 -5.80 -2.55 -4.60
C LEU C 9 -5.98 -1.82 -3.28
N MET C 10 -5.18 -2.18 -2.28
CA MET C 10 -5.18 -1.52 -0.98
C MET C 10 -4.83 -0.03 -1.13
N ALA C 11 -3.86 0.26 -1.98
CA ALA C 11 -3.46 1.64 -2.20
C ALA C 11 -4.60 2.40 -2.89
N LYS C 12 -5.15 1.83 -3.97
CA LYS C 12 -6.25 2.45 -4.70
C LYS C 12 -7.40 2.84 -3.77
N MET C 13 -7.83 1.90 -2.92
CA MET C 13 -8.89 2.07 -1.94
C MET C 13 -8.53 3.23 -1.00
N LYS C 14 -7.28 3.22 -0.52
CA LYS C 14 -6.85 4.17 0.48
C LYS C 14 -6.80 5.58 -0.10
N ASN C 15 -6.32 5.71 -1.34
CA ASN C 15 -6.12 7.00 -1.98
C ASN C 15 -7.35 7.33 -2.80
N MET C 16 -8.48 7.38 -2.11
CA MET C 16 -9.75 7.56 -2.78
C MET C 16 -10.50 8.67 -2.05
N GLY D 3 30.34 17.92 12.36
CA GLY D 3 29.29 16.91 12.70
C GLY D 3 29.87 15.52 12.98
N GLU D 4 29.77 14.61 11.99
CA GLU D 4 29.99 13.18 12.14
C GLU D 4 30.96 12.66 11.10
N SER D 5 31.72 11.64 11.45
CA SER D 5 32.70 11.06 10.54
C SER D 5 32.04 10.06 9.59
N LEU D 6 32.81 9.66 8.58
CA LEU D 6 32.34 8.68 7.62
C LEU D 6 32.05 7.36 8.32
N GLU D 7 32.92 6.97 9.25
CA GLU D 7 32.74 5.75 10.00
C GLU D 7 31.43 5.80 10.77
N ASP D 8 31.05 6.97 11.31
CA ASP D 8 29.81 7.10 12.06
C ASP D 8 28.62 6.80 11.15
N LEU D 9 28.67 7.39 9.96
CA LEU D 9 27.61 7.36 8.99
C LEU D 9 27.40 5.93 8.47
N MET D 10 28.50 5.21 8.22
CA MET D 10 28.46 3.82 7.81
C MET D 10 27.80 2.96 8.89
N ALA D 11 28.08 3.24 10.16
CA ALA D 11 27.46 2.48 11.22
C ALA D 11 25.97 2.78 11.28
N LYS D 12 25.61 4.07 11.28
CA LYS D 12 24.23 4.51 11.27
C LYS D 12 23.39 3.80 10.18
N MET D 13 23.90 3.75 8.94
CA MET D 13 23.28 3.12 7.79
C MET D 13 23.10 1.64 8.10
N LYS D 14 24.16 1.00 8.61
CA LYS D 14 24.20 -0.42 8.80
C LYS D 14 23.20 -0.85 9.85
N ASN D 15 23.11 -0.11 10.99
CA ASN D 15 22.42 -0.60 12.17
C ASN D 15 20.99 -0.12 12.20
N MET D 16 20.39 -0.02 11.03
CA MET D 16 19.13 0.65 10.82
C MET D 16 18.16 -0.36 10.18
C1 EDO E . 24.26 9.86 -18.02
O1 EDO E . 23.06 10.61 -17.87
C2 EDO E . 24.37 8.98 -16.83
O2 EDO E . 25.33 7.96 -16.98
C1 EDO F . 20.30 -10.24 -20.23
O1 EDO F . 18.96 -10.70 -20.07
C2 EDO F . 21.18 -11.30 -20.78
O2 EDO F . 21.92 -11.92 -19.75
C1 PEG G . 25.61 -0.96 -20.77
O1 PEG G . 24.83 -0.39 -19.73
C2 PEG G . 26.12 -2.34 -20.47
O2 PEG G . 27.03 -2.31 -19.36
C3 PEG G . 28.18 -3.14 -19.53
C4 PEG G . 29.41 -2.33 -19.86
O4 PEG G . 29.49 -1.09 -19.16
C1 EDO H . 32.46 14.20 -12.76
O1 EDO H . 31.23 14.71 -12.27
C2 EDO H . 33.51 14.17 -11.70
O2 EDO H . 34.25 12.99 -11.74
C1 PEG I . 41.31 16.01 -6.05
O1 PEG I . 42.55 15.34 -6.11
C2 PEG I . 41.35 17.16 -5.11
O2 PEG I . 40.65 18.26 -5.68
C3 PEG I . 40.91 19.50 -5.04
C4 PEG I . 39.90 19.78 -3.95
O4 PEG I . 40.13 18.99 -2.79
C1 PGE J . 10.00 -1.54 -4.81
O1 PGE J . 9.21 -1.99 -3.70
C2 PGE J . 9.26 -0.65 -5.77
O2 PGE J . 8.64 0.40 -5.04
C3 PGE J . 9.56 1.30 -4.42
C4 PGE J . 9.85 2.46 -5.33
O4 PGE J . 10.50 5.45 -2.92
C6 PGE J . 10.37 5.96 -4.26
C5 PGE J . 10.30 4.83 -5.27
O3 PGE J . 9.88 3.67 -4.57
C1 EDO K . 41.23 11.38 3.00
O1 EDO K . 40.30 12.25 2.39
C2 EDO K . 41.96 10.63 1.96
O2 EDO K . 41.96 11.33 0.74
C1 EDO L . 23.22 14.40 -10.38
O1 EDO L . 22.29 14.50 -11.47
C2 EDO L . 24.54 13.75 -10.63
O2 EDO L . 25.34 13.60 -9.44
C1 GOL M . 23.03 -7.38 2.76
O1 GOL M . 23.61 -7.53 1.47
C2 GOL M . 22.17 -6.13 2.85
O2 GOL M . 21.07 -6.33 3.74
C3 GOL M . 22.93 -4.90 3.28
O3 GOL M . 24.12 -4.75 2.51
C1 GOL N . 28.16 -3.88 -11.38
O1 GOL N . 28.70 -4.39 -10.18
C2 GOL N . 28.94 -2.67 -11.83
O2 GOL N . 28.12 -1.50 -11.65
C3 GOL N . 29.47 -2.77 -13.25
O3 GOL N . 29.40 -1.55 -13.97
C1 GOL O . 6.43 -17.86 -9.14
O1 GOL O . 6.70 -16.88 -10.13
C2 GOL O . 5.73 -17.25 -7.95
O2 GOL O . 4.35 -17.03 -8.27
C3 GOL O . 5.82 -18.11 -6.70
O3 GOL O . 6.60 -17.49 -5.68
C1 GOL P . 14.50 -15.55 -9.06
O1 GOL P . 14.36 -16.97 -8.95
C2 GOL P . 14.87 -14.91 -7.73
O2 GOL P . 16.08 -15.50 -7.26
C3 GOL P . 13.80 -14.99 -6.66
O3 GOL P . 14.31 -14.71 -5.34
C1 GOL Q . 4.87 -2.98 -4.79
O1 GOL Q . 4.46 -1.84 -5.53
C2 GOL Q . 4.77 -2.80 -3.29
O2 GOL Q . 5.33 -1.54 -2.93
C3 GOL Q . 5.49 -3.88 -2.54
O3 GOL Q . 6.84 -4.07 -2.98
C1 EDO R . 42.54 13.35 -11.06
O1 EDO R . 43.22 13.83 -12.22
C2 EDO R . 42.41 14.43 -10.06
O2 EDO R . 41.48 14.10 -9.05
C1 EDO S . 11.82 0.11 -17.29
O1 EDO S . 10.80 -0.89 -17.18
C2 EDO S . 12.28 0.59 -15.97
O2 EDO S . 12.72 1.94 -15.98
C1 EDO T . 13.05 -4.63 6.28
O1 EDO T . 12.70 -5.84 5.64
C2 EDO T . 14.18 -4.82 7.23
O2 EDO T . 15.38 -5.27 6.60
C1 EDO U . 3.80 3.54 10.28
O1 EDO U . 3.99 3.26 8.89
C2 EDO U . 4.90 3.10 11.19
O2 EDO U . 5.97 2.44 10.52
C1 EDO V . -16.56 -21.01 4.28
O1 EDO V . -16.49 -20.51 2.97
C2 EDO V . -15.20 -21.01 4.84
O2 EDO V . -15.08 -22.01 5.82
C1 EDO W . -25.63 -16.35 6.95
O1 EDO W . -25.32 -17.71 6.63
C2 EDO W . -25.52 -16.05 8.39
O2 EDO W . -24.58 -15.03 8.65
#